data_2QHS
#
_entry.id   2QHS
#
_cell.length_a   63.717
_cell.length_b   63.717
_cell.length_c   114.024
_cell.angle_alpha   90.00
_cell.angle_beta   90.00
_cell.angle_gamma   90.00
#
_symmetry.space_group_name_H-M   'P 41 21 2'
#
loop_
_entity.id
_entity.type
_entity.pdbx_description
1 polymer Lipoyltransferase
2 non-polymer 'OCTANOIC ACID (CAPRYLIC ACID)'
3 water water
#
_entity_poly.entity_id   1
_entity_poly.type   'polypeptide(L)'
_entity_poly.pdbx_seq_one_letter_code
;MGSSHHHHHHSSGLVPRGSHMEFLVEDLGLVPYGEAWAYQKRVHREVVAGNRPPTLLLLEHPRVITLGRKATGENLLFPE
SWYRENGFELYWVERGGDVTYHGPGQLVGYPIFPVGREVRRFLRQIEEAIVRVAAGYGISAYPTPGYAGVWVGEDKLCAI
GVAVKEGVSFHGFALNVNTDLNDFTVIVPCGLKGKGVTSLEKLLGRKVPMEEAKARVVAAFAEVFGLRPVEGSVHEA
;
_entity_poly.pdbx_strand_id   A
#
loop_
_chem_comp.id
_chem_comp.type
_chem_comp.name
_chem_comp.formula
OCA non-polymer 'OCTANOIC ACID (CAPRYLIC ACID)' 'C8 H16 O2'
#
# COMPACT_ATOMS: atom_id res chain seq x y z
N MET A 21 2.95 -3.21 -23.07
CA MET A 21 4.33 -2.63 -23.06
C MET A 21 4.49 -1.40 -22.16
N GLU A 22 3.36 -0.80 -21.77
CA GLU A 22 3.39 0.44 -20.98
C GLU A 22 2.49 0.35 -19.76
N PHE A 23 2.77 1.19 -18.77
CA PHE A 23 1.81 1.44 -17.69
C PHE A 23 1.72 2.94 -17.43
N LEU A 24 0.54 3.38 -17.04
CA LEU A 24 0.27 4.78 -16.77
C LEU A 24 0.42 5.05 -15.28
N VAL A 25 1.11 6.13 -14.93
CA VAL A 25 1.25 6.56 -13.54
C VAL A 25 0.41 7.80 -13.34
N GLU A 26 -0.43 7.80 -12.30
CA GLU A 26 -1.15 8.99 -11.91
C GLU A 26 -0.82 9.31 -10.48
N ASP A 27 -0.29 10.50 -10.24
CA ASP A 27 -0.02 11.00 -8.92
C ASP A 27 -1.21 11.83 -8.48
N LEU A 28 -2.00 11.30 -7.53
CA LEU A 28 -3.19 12.00 -7.06
C LEU A 28 -2.94 12.96 -5.90
N GLY A 29 -1.71 12.98 -5.39
CA GLY A 29 -1.42 13.77 -4.20
C GLY A 29 -2.19 13.27 -2.99
N LEU A 30 -2.67 14.18 -2.17
CA LEU A 30 -3.40 13.85 -0.95
C LEU A 30 -4.90 13.79 -1.24
N VAL A 31 -5.51 12.61 -1.02
CA VAL A 31 -6.92 12.40 -1.37
C VAL A 31 -7.63 11.64 -0.26
N PRO A 32 -8.81 12.12 0.18
CA PRO A 32 -9.63 11.38 1.13
C PRO A 32 -9.89 9.94 0.66
N TYR A 33 -9.86 9.03 1.62
CA TYR A 33 -9.99 7.61 1.32
C TYR A 33 -11.22 7.28 0.47
N GLY A 34 -12.38 7.83 0.85
CA GLY A 34 -13.64 7.48 0.18
C GLY A 34 -13.67 7.87 -1.28
N GLU A 35 -13.28 9.12 -1.57
CA GLU A 35 -13.18 9.59 -2.95
C GLU A 35 -12.11 8.84 -3.75
N ALA A 36 -10.97 8.58 -3.12
CA ALA A 36 -9.92 7.80 -3.78
C ALA A 36 -10.40 6.38 -4.12
N TRP A 37 -11.19 5.79 -3.21
CA TRP A 37 -11.77 4.47 -3.45
C TRP A 37 -12.69 4.49 -4.66
N ALA A 38 -13.55 5.50 -4.73
CA ALA A 38 -14.44 5.66 -5.88
C ALA A 38 -13.62 5.79 -7.16
N TYR A 39 -12.51 6.52 -7.09
CA TYR A 39 -11.64 6.67 -8.26
C TYR A 39 -11.01 5.33 -8.65
N GLN A 40 -10.53 4.56 -7.67
CA GLN A 40 -10.01 3.22 -7.95
C GLN A 40 -11.01 2.41 -8.76
N LYS A 41 -12.28 2.45 -8.33
CA LYS A 41 -13.31 1.66 -9.00
C LYS A 41 -13.56 2.12 -10.43
N ARG A 42 -13.51 3.42 -10.66
CA ARG A 42 -13.65 3.95 -12.02
C ARG A 42 -12.47 3.56 -12.91
N VAL A 43 -11.26 3.65 -12.37
CA VAL A 43 -10.06 3.25 -13.11
C VAL A 43 -10.12 1.75 -13.42
N HIS A 44 -10.51 0.97 -12.43
CA HIS A 44 -10.64 -0.47 -12.57
C HIS A 44 -11.59 -0.83 -13.71
N ARG A 45 -12.76 -0.17 -13.76
CA ARG A 45 -13.73 -0.44 -14.81
C ARG A 45 -13.12 -0.21 -16.19
N GLU A 46 -12.34 0.88 -16.33
CA GLU A 46 -11.72 1.19 -17.61
C GLU A 46 -10.66 0.17 -18.01
N VAL A 47 -9.87 -0.30 -17.05
CA VAL A 47 -8.87 -1.31 -17.35
C VAL A 47 -9.53 -2.65 -17.73
N VAL A 48 -10.57 -3.04 -17.00
CA VAL A 48 -11.34 -4.24 -17.31
C VAL A 48 -11.86 -4.19 -18.76
N ALA A 49 -12.34 -3.01 -19.15
CA ALA A 49 -12.91 -2.79 -20.48
C ALA A 49 -11.86 -2.72 -21.57
N GLY A 50 -10.58 -2.67 -21.19
CA GLY A 50 -9.48 -2.58 -22.15
C GLY A 50 -9.35 -1.18 -22.73
N ASN A 51 -9.89 -0.20 -22.01
CA ASN A 51 -9.93 1.19 -22.47
C ASN A 51 -8.95 2.12 -21.76
N ARG A 52 -8.04 1.53 -21.00
CA ARG A 52 -7.05 2.25 -20.24
C ARG A 52 -5.89 1.28 -20.03
N PRO A 53 -4.64 1.79 -20.08
CA PRO A 53 -3.50 0.91 -19.79
C PRO A 53 -3.47 0.51 -18.31
N PRO A 54 -2.69 -0.52 -17.97
CA PRO A 54 -2.44 -0.83 -16.57
C PRO A 54 -2.03 0.48 -15.89
N THR A 55 -2.61 0.79 -14.74
CA THR A 55 -2.44 2.10 -14.14
C THR A 55 -1.95 1.96 -12.71
N LEU A 56 -0.91 2.72 -12.39
CA LEU A 56 -0.40 2.79 -11.02
C LEU A 56 -0.81 4.13 -10.44
N LEU A 57 -1.70 4.13 -9.46
CA LEU A 57 -2.07 5.34 -8.74
C LEU A 57 -1.14 5.48 -7.56
N LEU A 58 -0.56 6.67 -7.40
CA LEU A 58 0.27 6.99 -6.27
C LEU A 58 -0.34 8.17 -5.54
N LEU A 59 -0.39 8.11 -4.22
CA LEU A 59 -1.14 9.09 -3.44
C LEU A 59 -0.83 8.97 -1.96
N GLU A 60 -1.41 9.87 -1.18
CA GLU A 60 -1.46 9.78 0.28
C GLU A 60 -2.91 9.94 0.71
N HIS A 61 -3.26 9.37 1.86
CA HIS A 61 -4.57 9.58 2.46
C HIS A 61 -4.46 10.36 3.77
N PRO A 62 -5.45 11.22 4.06
CA PRO A 62 -5.63 11.68 5.45
C PRO A 62 -5.85 10.48 6.38
N ARG A 63 -5.56 10.66 7.66
CA ARG A 63 -5.56 9.55 8.63
C ARG A 63 -6.82 8.69 8.52
N VAL A 64 -6.60 7.40 8.28
CA VAL A 64 -7.70 6.47 8.07
C VAL A 64 -7.28 5.06 8.53
N ILE A 65 -8.25 4.34 9.10
CA ILE A 65 -8.08 2.93 9.45
C ILE A 65 -8.94 2.13 8.49
N THR A 66 -8.39 1.12 7.85
CA THR A 66 -9.21 0.23 7.00
C THR A 66 -9.13 -1.20 7.49
N LEU A 67 -10.22 -1.93 7.28
CA LEU A 67 -10.37 -3.28 7.80
C LEU A 67 -10.75 -4.19 6.64
N GLY A 68 -9.82 -5.08 6.31
CA GLY A 68 -9.95 -5.95 5.14
C GLY A 68 -10.64 -7.27 5.44
N ARG A 69 -10.43 -8.21 4.53
CA ARG A 69 -11.15 -9.50 4.54
C ARG A 69 -10.95 -10.31 5.83
N LYS A 70 -9.80 -10.18 6.46
CA LYS A 70 -9.47 -10.98 7.65
C LYS A 70 -9.67 -10.19 8.94
N ALA A 71 -10.16 -8.96 8.80
CA ALA A 71 -10.33 -8.08 9.96
C ALA A 71 -11.55 -8.44 10.79
N THR A 72 -11.42 -8.26 12.10
CA THR A 72 -12.54 -8.35 13.04
C THR A 72 -12.45 -7.20 14.03
N GLY A 73 -13.44 -7.09 14.91
CA GLY A 73 -13.43 -6.09 15.97
C GLY A 73 -12.23 -6.17 16.90
N GLU A 74 -11.62 -7.35 16.99
CA GLU A 74 -10.44 -7.58 17.82
C GLU A 74 -9.24 -6.75 17.34
N ASN A 75 -9.29 -6.32 16.08
CA ASN A 75 -8.22 -5.54 15.48
C ASN A 75 -8.21 -4.07 15.88
N LEU A 76 -9.27 -3.63 16.53
CA LEU A 76 -9.36 -2.26 17.05
C LEU A 76 -9.22 -2.28 18.56
N LEU A 77 -8.26 -1.52 19.07
CA LEU A 77 -8.05 -1.43 20.52
C LEU A 77 -9.19 -0.70 21.21
N PHE A 78 -9.62 0.41 20.63
CA PHE A 78 -10.75 1.20 21.14
C PHE A 78 -12.01 0.92 20.29
N PRO A 79 -13.20 1.39 20.73
CA PRO A 79 -14.38 1.24 19.85
C PRO A 79 -14.24 2.08 18.60
N GLU A 80 -14.93 1.70 17.52
CA GLU A 80 -14.88 2.44 16.26
C GLU A 80 -15.10 3.94 16.49
N SER A 81 -16.04 4.27 17.39
CA SER A 81 -16.38 5.66 17.68
C SER A 81 -15.19 6.48 18.20
N TRP A 82 -14.30 5.85 18.97
CA TRP A 82 -13.12 6.55 19.44
C TRP A 82 -12.29 7.08 18.26
N TYR A 83 -12.12 6.24 17.24
CA TYR A 83 -11.27 6.62 16.10
C TYR A 83 -11.80 7.85 15.39
N ARG A 84 -13.11 7.88 15.16
CA ARG A 84 -13.74 8.99 14.45
C ARG A 84 -13.72 10.28 15.26
N GLU A 85 -13.82 10.13 16.58
CA GLU A 85 -13.71 11.25 17.53
C GLU A 85 -12.29 11.81 17.62
N ASN A 86 -11.31 10.99 17.24
CA ASN A 86 -9.91 11.35 17.41
C ASN A 86 -9.15 11.50 16.09
N GLY A 87 -9.88 11.86 15.03
CA GLY A 87 -9.25 12.31 13.80
C GLY A 87 -8.95 11.27 12.74
N PHE A 88 -9.48 10.06 12.91
CA PHE A 88 -9.37 9.02 11.88
C PHE A 88 -10.69 8.87 11.15
N GLU A 89 -10.62 8.56 9.86
CA GLU A 89 -11.75 7.95 9.17
C GLU A 89 -11.60 6.44 9.34
N LEU A 90 -12.67 5.69 9.10
CA LEU A 90 -12.63 4.24 9.30
C LEU A 90 -13.54 3.55 8.28
N TYR A 91 -13.01 2.53 7.59
CA TYR A 91 -13.77 1.83 6.54
C TYR A 91 -13.50 0.34 6.51
N TRP A 92 -14.54 -0.44 6.21
CA TRP A 92 -14.41 -1.86 5.93
C TRP A 92 -14.30 -2.07 4.43
N VAL A 93 -13.27 -2.81 4.02
CA VAL A 93 -12.92 -2.97 2.61
C VAL A 93 -12.65 -4.43 2.24
N GLU A 94 -12.56 -4.74 0.95
CA GLU A 94 -12.48 -6.12 0.47
C GLU A 94 -11.08 -6.61 0.07
N ARG A 95 -10.04 -5.84 0.38
CA ARG A 95 -8.65 -6.27 0.14
C ARG A 95 -8.24 -7.36 1.13
N GLY A 96 -7.17 -8.08 0.78
CA GLY A 96 -6.57 -9.05 1.69
C GLY A 96 -6.00 -8.39 2.93
N GLY A 97 -5.78 -9.20 3.97
CA GLY A 97 -5.21 -8.72 5.23
C GLY A 97 -6.27 -8.29 6.22
N ASP A 98 -5.82 -7.83 7.39
CA ASP A 98 -6.76 -7.38 8.40
C ASP A 98 -6.80 -5.86 8.50
N VAL A 99 -6.32 -5.30 9.61
CA VAL A 99 -6.43 -3.87 9.85
C VAL A 99 -5.14 -3.17 9.41
N THR A 100 -5.29 -1.94 8.92
CA THR A 100 -4.11 -1.13 8.64
C THR A 100 -4.45 0.34 8.80
N TYR A 101 -3.40 1.16 8.79
CA TYR A 101 -3.51 2.59 8.93
C TYR A 101 -2.83 3.23 7.72
N HIS A 102 -3.49 4.26 7.19
CA HIS A 102 -2.87 5.16 6.20
C HIS A 102 -2.94 6.57 6.71
N GLY A 103 -1.90 7.35 6.46
CA GLY A 103 -1.91 8.76 6.85
C GLY A 103 -0.84 9.52 6.10
N PRO A 104 -0.78 10.84 6.34
CA PRO A 104 0.23 11.66 5.67
C PRO A 104 1.64 11.09 5.87
N GLY A 105 2.41 11.10 4.79
CA GLY A 105 3.78 10.60 4.82
C GLY A 105 3.90 9.14 4.40
N GLN A 106 2.76 8.47 4.25
CA GLN A 106 2.76 7.10 3.76
C GLN A 106 2.40 7.10 2.29
N LEU A 107 3.29 6.53 1.47
CA LEU A 107 3.04 6.47 0.03
C LEU A 107 2.15 5.26 -0.25
N VAL A 108 0.90 5.55 -0.60
CA VAL A 108 -0.05 4.51 -0.97
C VAL A 108 0.00 4.34 -2.49
N GLY A 109 0.11 3.10 -2.94
CA GLY A 109 0.08 2.79 -4.36
C GLY A 109 -0.99 1.79 -4.67
N TYR A 110 -1.79 2.09 -5.68
CA TYR A 110 -2.84 1.21 -6.15
C TYR A 110 -2.53 0.80 -7.60
N PRO A 111 -1.85 -0.33 -7.78
CA PRO A 111 -1.67 -0.83 -9.14
C PRO A 111 -2.93 -1.51 -9.60
N ILE A 112 -3.57 -0.93 -10.61
CA ILE A 112 -4.81 -1.44 -11.15
C ILE A 112 -4.41 -2.05 -12.50
N PHE A 113 -4.04 -3.33 -12.41
CA PHE A 113 -3.31 -4.06 -13.46
C PHE A 113 -4.10 -5.32 -13.87
N PRO A 114 -4.07 -5.66 -15.18
CA PRO A 114 -4.75 -6.88 -15.65
C PRO A 114 -3.96 -8.15 -15.36
N VAL A 115 -4.06 -8.63 -14.13
CA VAL A 115 -3.26 -9.75 -13.62
C VAL A 115 -3.83 -11.14 -13.94
N GLY A 116 -5.10 -11.18 -14.32
CA GLY A 116 -5.75 -12.46 -14.61
C GLY A 116 -5.88 -13.31 -13.36
N ARG A 117 -5.45 -14.56 -13.47
CA ARG A 117 -5.57 -15.55 -12.40
C ARG A 117 -4.37 -15.58 -11.46
N GLU A 118 -3.26 -14.98 -11.90
CA GLU A 118 -1.98 -15.11 -11.18
C GLU A 118 -1.76 -14.01 -10.12
N VAL A 119 -2.56 -14.07 -9.07
CA VAL A 119 -2.52 -13.07 -8.00
C VAL A 119 -1.29 -13.25 -7.12
N ARG A 120 -0.89 -14.49 -6.83
CA ARG A 120 0.29 -14.71 -6.00
C ARG A 120 1.55 -14.13 -6.67
N ARG A 121 1.67 -14.35 -7.97
CA ARG A 121 2.77 -13.78 -8.76
C ARG A 121 2.75 -12.26 -8.69
N PHE A 122 1.57 -11.67 -8.82
CA PHE A 122 1.42 -10.21 -8.76
C PHE A 122 1.89 -9.65 -7.40
N LEU A 123 1.49 -10.32 -6.31
CA LEU A 123 1.94 -9.93 -4.97
C LEU A 123 3.45 -9.97 -4.87
N ARG A 124 4.05 -11.02 -5.42
CA ARG A 124 5.50 -11.18 -5.38
C ARG A 124 6.18 -10.07 -6.15
N GLN A 125 5.57 -9.62 -7.25
CA GLN A 125 6.14 -8.52 -8.03
C GLN A 125 6.06 -7.18 -7.30
N ILE A 126 4.95 -6.93 -6.61
CA ILE A 126 4.85 -5.73 -5.77
C ILE A 126 5.94 -5.76 -4.70
N GLU A 127 6.06 -6.90 -4.02
CA GLU A 127 7.10 -7.09 -3.02
C GLU A 127 8.48 -6.79 -3.60
N GLU A 128 8.77 -7.36 -4.76
CA GLU A 128 10.08 -7.17 -5.38
C GLU A 128 10.35 -5.69 -5.67
N ALA A 129 9.35 -4.99 -6.18
CA ALA A 129 9.51 -3.56 -6.46
C ALA A 129 9.84 -2.77 -5.19
N ILE A 130 9.13 -3.06 -4.10
CA ILE A 130 9.40 -2.39 -2.84
C ILE A 130 10.79 -2.75 -2.30
N VAL A 131 11.20 -4.02 -2.43
CA VAL A 131 12.55 -4.42 -2.02
C VAL A 131 13.59 -3.63 -2.81
N ARG A 132 13.34 -3.42 -4.10
CA ARG A 132 14.25 -2.62 -4.92
C ARG A 132 14.31 -1.16 -4.47
N VAL A 133 13.15 -0.58 -4.14
CA VAL A 133 13.12 0.79 -3.63
C VAL A 133 13.96 0.91 -2.36
N ALA A 134 13.78 -0.02 -1.42
CA ALA A 134 14.56 0.03 -0.18
C ALA A 134 16.06 -0.09 -0.47
N ALA A 135 16.42 -0.99 -1.40
CA ALA A 135 17.84 -1.19 -1.74
C ALA A 135 18.46 0.11 -2.28
N GLY A 136 17.65 0.89 -2.99
CA GLY A 136 18.08 2.20 -3.49
C GLY A 136 18.48 3.19 -2.42
N TYR A 137 17.94 3.00 -1.22
CA TYR A 137 18.27 3.82 -0.04
C TYR A 137 19.34 3.17 0.83
N GLY A 138 19.92 2.06 0.35
CA GLY A 138 20.90 1.32 1.13
C GLY A 138 20.29 0.44 2.21
N ILE A 139 19.00 0.14 2.09
CA ILE A 139 18.28 -0.62 3.10
C ILE A 139 17.97 -2.01 2.58
N SER A 140 18.30 -3.01 3.38
CA SER A 140 18.04 -4.41 3.03
C SER A 140 16.67 -4.81 3.57
N ALA A 141 15.73 -5.01 2.65
CA ALA A 141 14.38 -5.40 2.99
C ALA A 141 14.04 -6.75 2.38
N TYR A 142 13.05 -7.44 2.95
CA TYR A 142 12.65 -8.71 2.39
C TYR A 142 11.16 -8.97 2.58
N PRO A 143 10.56 -9.77 1.68
CA PRO A 143 9.16 -10.12 1.88
C PRO A 143 8.95 -10.93 3.14
N THR A 144 9.98 -11.68 3.54
CA THR A 144 9.95 -12.75 4.56
C THR A 144 9.20 -13.95 4.02
N PRO A 145 9.59 -15.16 4.45
CA PRO A 145 8.82 -16.34 4.10
C PRO A 145 7.43 -16.42 4.70
N GLY A 146 7.22 -15.75 5.82
CA GLY A 146 6.02 -15.99 6.61
C GLY A 146 5.03 -14.86 6.84
N TYR A 147 5.45 -13.62 6.55
CA TYR A 147 4.60 -12.44 6.85
C TYR A 147 4.30 -11.64 5.59
N ALA A 148 3.02 -11.33 5.37
CA ALA A 148 2.63 -10.46 4.27
C ALA A 148 3.31 -9.08 4.43
N GLY A 149 3.54 -8.41 3.30
CA GLY A 149 4.23 -7.14 3.31
C GLY A 149 5.73 -7.27 3.20
N VAL A 150 6.40 -6.12 3.24
CA VAL A 150 7.86 -6.08 3.15
C VAL A 150 8.44 -5.54 4.44
N TRP A 151 9.47 -6.25 4.92
CA TRP A 151 10.02 -6.04 6.26
C TRP A 151 11.49 -5.64 6.21
N VAL A 152 11.91 -4.87 7.21
CA VAL A 152 13.34 -4.61 7.45
C VAL A 152 13.57 -5.12 8.85
N GLY A 153 14.28 -6.24 8.93
CA GLY A 153 14.40 -6.97 10.18
C GLY A 153 13.02 -7.31 10.70
N GLU A 154 12.77 -6.94 11.95
CA GLU A 154 11.52 -7.31 12.61
C GLU A 154 10.39 -6.31 12.41
N ASP A 155 10.63 -5.28 11.60
CA ASP A 155 9.64 -4.19 11.44
C ASP A 155 9.08 -4.11 10.04
N LYS A 156 7.77 -3.83 9.93
CA LYS A 156 7.13 -3.79 8.62
C LYS A 156 7.29 -2.42 7.98
N LEU A 157 7.94 -2.38 6.83
CA LEU A 157 8.18 -1.14 6.09
C LEU A 157 7.03 -0.80 5.15
N CYS A 158 6.42 -1.84 4.57
CA CYS A 158 5.39 -1.64 3.57
C CYS A 158 4.33 -2.72 3.72
N ALA A 159 3.08 -2.31 3.92
CA ALA A 159 1.96 -3.23 3.96
C ALA A 159 1.49 -3.48 2.54
N ILE A 160 1.00 -4.70 2.29
CA ILE A 160 0.48 -5.06 0.98
C ILE A 160 -0.81 -5.84 1.16
N GLY A 161 -1.86 -5.41 0.46
CA GLY A 161 -3.16 -6.09 0.49
C GLY A 161 -3.94 -5.67 -0.72
N VAL A 162 -4.31 -6.65 -1.54
CA VAL A 162 -4.96 -6.38 -2.81
C VAL A 162 -6.31 -7.06 -2.92
N ALA A 163 -7.07 -6.65 -3.93
CA ALA A 163 -8.29 -7.36 -4.34
C ALA A 163 -8.19 -7.54 -5.85
N VAL A 164 -8.86 -8.56 -6.37
CA VAL A 164 -8.87 -8.79 -7.81
C VAL A 164 -10.30 -9.09 -8.20
N LYS A 165 -10.77 -8.38 -9.20
CA LYS A 165 -12.12 -8.55 -9.71
C LYS A 165 -12.05 -8.47 -11.22
N GLU A 166 -12.72 -9.41 -11.88
CA GLU A 166 -12.71 -9.50 -13.34
C GLU A 166 -11.29 -9.48 -13.90
N GLY A 167 -10.37 -10.13 -13.17
CA GLY A 167 -9.00 -10.28 -13.64
C GLY A 167 -8.14 -9.02 -13.52
N VAL A 168 -8.66 -8.00 -12.84
CA VAL A 168 -7.92 -6.75 -12.67
C VAL A 168 -7.81 -6.44 -11.19
N SER A 169 -6.61 -6.04 -10.78
CA SER A 169 -6.32 -5.77 -9.38
C SER A 169 -6.79 -4.39 -8.96
N PHE A 170 -6.99 -4.23 -7.66
CA PHE A 170 -7.11 -2.92 -7.04
C PHE A 170 -6.62 -3.01 -5.59
N HIS A 171 -6.78 -1.95 -4.83
CA HIS A 171 -5.99 -1.77 -3.61
C HIS A 171 -4.51 -1.93 -3.96
N GLY A 172 -3.65 -2.36 -3.05
CA GLY A 172 -2.22 -2.34 -3.39
C GLY A 172 -1.26 -2.38 -2.23
N PHE A 173 -0.47 -1.31 -2.09
CA PHE A 173 0.58 -1.27 -1.07
C PHE A 173 0.62 0.07 -0.37
N ALA A 174 1.26 0.09 0.79
CA ALA A 174 1.39 1.30 1.59
C ALA A 174 2.79 1.36 2.18
N LEU A 175 3.64 2.15 1.53
CA LEU A 175 5.04 2.28 1.89
C LEU A 175 5.24 3.41 2.89
N ASN A 176 5.78 3.09 4.06
CA ASN A 176 6.02 4.14 5.05
C ASN A 176 7.25 4.94 4.70
N VAL A 177 7.03 6.19 4.29
CA VAL A 177 8.13 7.08 3.93
C VAL A 177 8.41 7.97 5.14
N ASN A 178 7.50 8.91 5.41
CA ASN A 178 7.59 9.81 6.58
C ASN A 178 6.38 9.68 7.50
N THR A 179 5.79 8.49 7.51
CA THR A 179 4.57 8.25 8.27
C THR A 179 4.74 8.54 9.75
N ASP A 180 3.67 9.00 10.38
CA ASP A 180 3.60 9.05 11.84
C ASP A 180 3.35 7.63 12.33
N LEU A 181 4.42 6.92 12.61
CA LEU A 181 4.35 5.50 12.97
C LEU A 181 3.60 5.27 14.29
N ASN A 182 3.54 6.30 15.12
CA ASN A 182 2.82 6.20 16.37
C ASN A 182 1.34 5.91 16.20
N ASP A 183 0.81 6.26 15.02
CA ASP A 183 -0.62 6.03 14.75
C ASP A 183 -0.94 4.54 14.58
N PHE A 184 0.08 3.69 14.36
CA PHE A 184 -0.18 2.24 14.26
C PHE A 184 -0.48 1.61 15.62
N THR A 185 -0.12 2.28 16.70
CA THR A 185 -0.23 1.66 18.03
C THR A 185 -1.67 1.39 18.43
N VAL A 186 -2.61 2.19 17.89
CA VAL A 186 -4.04 2.03 18.21
C VAL A 186 -4.77 0.90 17.49
N ILE A 187 -4.08 0.22 16.56
CA ILE A 187 -4.70 -0.92 15.90
C ILE A 187 -3.90 -2.18 16.21
N VAL A 188 -4.59 -3.32 16.13
CA VAL A 188 -4.04 -4.57 16.65
C VAL A 188 -4.13 -5.67 15.58
N PRO A 189 -3.09 -5.80 14.73
CA PRO A 189 -3.03 -6.91 13.77
C PRO A 189 -3.12 -8.29 14.42
N CYS A 190 -3.73 -9.24 13.71
CA CYS A 190 -3.87 -10.63 14.15
C CYS A 190 -3.03 -11.52 13.23
N GLY A 191 -2.64 -12.68 13.73
CA GLY A 191 -1.88 -13.63 12.92
C GLY A 191 -0.37 -13.49 13.03
N LEU A 192 0.33 -14.12 12.09
CA LEU A 192 1.79 -14.14 12.08
C LEU A 192 2.36 -12.80 11.65
N LYS A 193 3.27 -12.26 12.45
CA LYS A 193 3.86 -10.96 12.18
C LYS A 193 5.18 -10.81 12.93
N GLY A 194 5.94 -9.81 12.54
CA GLY A 194 7.14 -9.42 13.28
C GLY A 194 6.74 -8.58 14.48
N LYS A 195 7.62 -7.68 14.87
CA LYS A 195 7.40 -6.97 16.13
C LYS A 195 6.83 -5.57 15.96
N GLY A 196 7.28 -4.83 14.95
CA GLY A 196 6.85 -3.46 14.81
C GLY A 196 6.65 -2.98 13.38
N VAL A 197 6.71 -1.66 13.24
CA VAL A 197 6.57 -1.00 11.95
C VAL A 197 7.71 -0.01 11.81
N THR A 198 8.10 0.29 10.58
CA THR A 198 9.19 1.22 10.35
C THR A 198 8.91 2.02 9.09
N SER A 199 9.77 3.01 8.83
CA SER A 199 9.60 3.90 7.69
C SER A 199 10.98 4.24 7.17
N LEU A 200 11.06 4.76 5.95
CA LEU A 200 12.33 5.25 5.45
C LEU A 200 12.89 6.33 6.38
N GLU A 201 12.02 7.22 6.85
CA GLU A 201 12.43 8.28 7.77
C GLU A 201 13.06 7.71 9.04
N LYS A 202 12.42 6.71 9.63
CA LYS A 202 12.93 6.11 10.86
C LYS A 202 14.27 5.43 10.63
N LEU A 203 14.40 4.71 9.51
CA LEU A 203 15.60 3.96 9.20
C LEU A 203 16.78 4.85 8.86
N LEU A 204 16.49 6.00 8.24
CA LEU A 204 17.52 6.92 7.77
C LEU A 204 17.77 8.08 8.72
N GLY A 205 16.87 8.30 9.67
CA GLY A 205 17.05 9.38 10.66
C GLY A 205 16.70 10.77 10.16
N ARG A 206 15.94 10.83 9.06
CA ARG A 206 15.57 12.10 8.43
C ARG A 206 14.44 11.83 7.44
N LYS A 207 13.63 12.84 7.18
CA LYS A 207 12.57 12.75 6.18
C LYS A 207 13.12 12.59 4.76
N VAL A 208 12.40 11.84 3.94
CA VAL A 208 12.74 11.56 2.54
C VAL A 208 11.66 12.25 1.71
N PRO A 209 12.03 13.04 0.69
CA PRO A 209 10.98 13.71 -0.09
C PRO A 209 10.02 12.73 -0.75
N MET A 210 8.73 12.97 -0.55
CA MET A 210 7.69 12.14 -1.16
C MET A 210 7.80 12.06 -2.68
N GLU A 211 8.16 13.18 -3.33
CA GLU A 211 8.31 13.18 -4.78
C GLU A 211 9.36 12.18 -5.23
N GLU A 212 10.44 12.09 -4.46
CA GLU A 212 11.50 11.16 -4.76
C GLU A 212 11.07 9.71 -4.53
N ALA A 213 10.39 9.45 -3.42
CA ALA A 213 9.92 8.09 -3.14
C ALA A 213 9.00 7.62 -4.27
N LYS A 214 8.13 8.51 -4.75
CA LYS A 214 7.26 8.19 -5.88
C LYS A 214 8.08 7.84 -7.13
N ALA A 215 9.09 8.65 -7.43
CA ALA A 215 9.92 8.40 -8.60
C ALA A 215 10.64 7.05 -8.51
N ARG A 216 11.13 6.72 -7.31
CA ARG A 216 11.82 5.45 -7.14
C ARG A 216 10.88 4.26 -7.25
N VAL A 217 9.65 4.42 -6.76
CA VAL A 217 8.63 3.39 -6.90
C VAL A 217 8.30 3.17 -8.38
N VAL A 218 8.11 4.26 -9.13
CA VAL A 218 7.79 4.13 -10.56
C VAL A 218 8.90 3.37 -11.27
N ALA A 219 10.16 3.77 -11.03
CA ALA A 219 11.30 3.08 -11.65
C ALA A 219 11.35 1.60 -11.29
N ALA A 220 11.05 1.27 -10.03
CA ALA A 220 11.09 -0.11 -9.60
C ALA A 220 9.98 -0.93 -10.25
N PHE A 221 8.78 -0.35 -10.34
CA PHE A 221 7.69 -1.03 -11.02
C PHE A 221 8.02 -1.29 -12.48
N ALA A 222 8.59 -0.26 -13.13
CA ALA A 222 8.98 -0.36 -14.54
C ALA A 222 9.94 -1.53 -14.75
N GLU A 223 10.92 -1.67 -13.86
CA GLU A 223 11.93 -2.72 -13.95
C GLU A 223 11.34 -4.11 -13.69
N VAL A 224 10.59 -4.24 -12.59
CA VAL A 224 10.04 -5.53 -12.20
C VAL A 224 9.01 -6.08 -13.20
N PHE A 225 8.10 -5.21 -13.64
CA PHE A 225 7.04 -5.60 -14.56
C PHE A 225 7.46 -5.60 -16.03
N GLY A 226 8.61 -5.00 -16.32
CA GLY A 226 9.08 -4.90 -17.70
C GLY A 226 8.19 -4.03 -18.55
N LEU A 227 7.75 -2.90 -17.99
CA LEU A 227 6.86 -1.98 -18.69
C LEU A 227 7.41 -0.57 -18.66
N ARG A 228 7.14 0.19 -19.72
CA ARG A 228 7.56 1.60 -19.81
C ARG A 228 6.53 2.50 -19.14
N PRO A 229 6.99 3.35 -18.21
CA PRO A 229 6.04 4.25 -17.56
C PRO A 229 5.68 5.44 -18.44
N VAL A 230 4.40 5.79 -18.46
CA VAL A 230 3.91 6.98 -19.15
C VAL A 230 3.14 7.91 -18.21
C1 OCA B . -2.35 -6.76 6.67
C2 OCA B . -3.02 -5.45 6.17
C3 OCA B . -2.41 -4.96 4.85
C4 OCA B . -3.20 -3.80 4.20
C5 OCA B . -2.40 -3.15 3.08
C6 OCA B . -3.16 -2.03 2.37
C7 OCA B . -2.36 -1.45 1.21
C8 OCA B . -3.14 -0.40 0.42
O1 OCA B . -2.96 -7.39 7.57
O2 OCA B . -1.26 -7.11 6.16
#